data_3DG5
#
_entry.id   3DG5
#
_cell.length_a   1.0
_cell.length_b   1.0
_cell.length_c   1.0
_cell.angle_alpha   90
_cell.angle_beta   90
_cell.angle_gamma   90
#
_symmetry.space_group_name_H-M   'P 1'
#
loop_
_entity.id
_entity.type
_entity.pdbx_description
1 polymer '16S Ribosomal RNA from E. coli'
2 polymer '23S Ribosomal RNA from E. coli'
#
loop_
_entity_poly.entity_id
_entity_poly.type
_entity_poly.pdbx_seq_one_letter_code
_entity_poly.pdbx_strand_id
1 'polyribonucleotide'
;AAAUUGAAGAGUUUGAUCAUGGCUCAGAUUGAACGCUGGCGGCAGGCCUAACACAUGCAAGUCGAACGGUAACAGGAAGA
AGCUUGCUUCUUUGCUGACGAGUGGCGGACGGGUGAGUAAUGUCUGGGAAACUGCCUGAUGGAGGGGGAUAACUACUGGA
AACGGUAGCUAAUACCGCAUAACGUCGCAAGACCAAAGAGGGGGACCUUCGGGCCUCUUGCCAUCGGAUGUGCCCAGAUG
GGAUUAGCUAGUAGGUGGGGUAACGGCUCACCUAGGCGACGAUCCCUAGCUGGUCUGAGAGGAUGACCAGCCACACUGGA
ACUGAGACACGGUCCAGACUCCUACGGGAGGCAGCAGUGGGGAAUAUUGCACAAUGGGCGCAAGCCUGAUGCAGCCAUGC
CGCGUGUAUGAAGAAGGCCUUCGGGUUGUAAAGUACUUUCAGCGGGGAGGAAGGGAGUAAAGUUAAUACCUUUGCUCAUU
GACGUUACCCGCAGAAGAAGCACCGGCUAACUCCGUGCCAGCAGCCGCGGUAAUACGGAGGGUGCAAGCGUUAAUCGGAA
UUACUGGGCGUAAAGCGCACGCAGGCGGUUUGUUAAGUCAGAUGUGAAAUCCCCGGGCUCAACCUGGGAACUGCAUCUGA
UACUGGCAAGCUUGAGUCUCGUAGAGGGGGGUAGAAUUCCAGGUGUAGCGGUGAAAUGCGUAGAGAUCUGGAGGAAUACC
GGUGGCGAAGGCGGCCCCCUGGACGAAGACUGACGCUCAGGUGCGAAAGCGUGGGGAGCAAACAGGAUUAGAUACCCUGG
UAGUCCACGCCGUAAACGAUGUCGACUUGGAGGUUGUGCCCUUGAGGCGUGGCUUCCGGAGCUAACGCGUUAAGUCGACC
GCCUGGGGAGUACGGCCGCAAGGUUAAAACUCAAAUGAAUUGACGGGGGCCCGCACAAGCGGUGGAGCAUGUGGUUUAAU
UCGAUGCAACGCGAAGAACCUUACCUGGUCUUGACAUCCACGGAAGUUUUCAGAGAUGAGAAUGUGCCUUCGGGAACCGU
GAGACAGGUGCUGCAUGGCUGUCGUCAGCUCGUGUUGUGAAAUGUUGGGUUAAGUCCCGCAACGAGCGCAACCCUUAUCC
UUUGUUGCCAGCGGUCCGGCCGGGAACUCAAAGGAGACUGCCAGUGAUAAACUGGAGGAAGGUGGGGAUGACGUCAAGUC
AUCAUGGCCCUUACGACCAGGGCUACACACGUGCUACAAUGGCGCAUACAAAGAGAAGCGACCUCGCGAGAGCAAGCGGA
CCUCAUAAAGUGCGUCGUAGUCCGGAUUGGAGUCUGCAACUCGACUCCAUGAAGUCGGAAUCGCUAGUAAUCGUGGAUCA
GAAUGCCACGGUGAAUACGUUCCCGGGCCUUGUACACACCGCCCGUCACACCAUGGGAGUGGGUUGCAAAAGAAGUAGGU
AGCUUAACCUUCGGGAGGGCGCUUACCACUUUGUGAUUCAUGACUGGGGUGAAGUCGUAACAAGGUAACCGUAGGGGAAC
CUGCGGUUGGAUCACCUCCUUA
;
A
2 'polyribonucleotide'
;GGUUAAGCGACUAAGCGUACACGGUGGAUGCCCUGGCAGUCAGAGGCGAUGAAGGACGUGCUAAUCUGCGAUAAGCGUCG
GUAAGGUGAUAUGAACCGUUAUAACCGGCGAUUUCCGAAUGGGGAAACCCAGUGUGUUUCGACACACUAUCAUUAACUGA
AUCCAUAGGUUAAUGAGGCGAACCGGGGGAACUGAAACAUCUAAGUACCCCGAGGAAAAGAAAUCAACCGAGAUUCCCCC
AGUAGCGGCGAGCGAACGGGGAGCAGCCCAGAGCCUGAAUCAGUGUGUGUGUUAGUGGAAGCGUCUGGAAAGGCGCGCGA
UACAGGGUGACAGCCCCGUACACAAAAAUGCACAUGCUGUGAGCUCGAUGAGUAGGGCGGGACACGUGGUAUCCUGUCUG
AAUAUGGGGGGACCAUCCUCCAAGGCUAAAUACUCCUGACUGACCGAUAGUGAACCAGUACCGUGAGGGAAAGGCGAAAA
GAACCCCGGCGAGGGGAGUGAAAAAGAACCUGAAACCGUGUACGUACAAGCAGUGGGAGCACGCUUAGGCGUGUGACUGC
GUACCUUUUGUAUAAUGGGUCAGCGACUUAUAUUCUGUAGCAAGGUUAACCGAAUAGGGGAGCCGAAGGGAAACCGAGUC
UUAACUGGGCGUUAAGUUGCAGGGUAUAGACCCGAAACCCGGUGAUCUAGCCAUGGGCAGGUUGAAGGUUGGGUAACACU
AACUGGAGGACCGAACCGACUAAUGUUGAAAAAUUAGCGGAUGACUUGUGGCUGGGGGUGAAAGGCCAAUCAAACCGGGA
GAUAGCUGGUUCUCCCCGAAAGCUAUUUAGGUAGCGCCUCGUGAAUUCAUCUCCGGGGGUAGAGCACUGUUUCGGCAAGG
GGGUCAUCCCGACUUACCAACCCGAUGCAAACUGCGAAUACCGGAGAAUGUUAUCACGGGAGACACACGGCGGGUGCUAA
CGUCCGUCGUGAAGAGGGAAACAACCCAGACCGCCAGCUAAGGUCCCAAAGUCAUGGUUAAGUGGGAAACGAUGUGGGAA
GGCCCAGACAGCCAGGAUGUUGGCUUAGAAGCAGCCAUCAUUUAAAGAAAGCGUAAUAGCUCACUGGUCGAGUCGGCCUG
CGCGGAAGAUGUAACGGGGCUAAACCAUGCACCGAAGCUGCGGCAGCGACGCUUAUGCGUUGUUGGGUAGGGGAGCGUUC
UGUAAGCCUGCGAAGGUGUGCUGUGAGGCAUGCUGGAGGUAUCAGAAGUGCGAAUGCUGACAUAAGUAACGAUAAAGCGG
GUGAAAAGCCCGCUCGCCGGAAGACCAAGGGUUCCUGUCCAACGUUAAUCGGGGCAGGGUGAGUCGACCCCUAAGGCGAG
GCCGAAAGGCGUAGUCGAUGGGAAACAGGUUAAUAUUCCUGUACUUGGUGUUACUGCGAAGGGGGGACGGAGAAGGCUAU
GUUGGCCGGGCGACGGUUGUCCCGGUUUAAGCGUGUAGGCUGGUUUUCCAGGCAAAUCCGGAAAAUCAAGGCUGAGGCGU
GAUGACGAGGCACUACGGUGCUGAAGCAACAAAUGCCCUGCUUCCAGGAAAAGCCUCUAAGCAUCAGGUAACAUCAAAUC
GUACCCCAAACCGACACAGGUGGUCAGGUAGAGAAUACCAAGGCGCUUGAGAGAACUCGGGUGAAGGAACUAGGCAAAAU
GGUGCCGUAACUUCGGGAGAAGGCACGCUGAUAUGUAGGUGAGGUCCCUCGCGGAUGGAGCUGAAAUCAGUCGAAGAUAC
CAGCUGGCUGCAACUGUUUAUUAAAAACACAGCACUGUGCAAACACGAAAGUGGACGUAUACGGUGUGACGCCUGCCCGG
UGCCGGAAGGUUAAUUGAUGGGGUUAGCGCAAGCGAAGCUCUUGAUCGAAGCCCCGGUAAACGGCGGCCGUAACUAUAAC
GGUCCUAAGGUAGCGAAAUUCCUUGUCGGGUAAGUUCCGACCUGCACGAAUGGCGUAAUGAUGGCCAGGCUGUCUCCACC
CGAGACUCAGUGAAAUUGAACUCGCUGUGAAGAUGCAGUGUACCCGCGGCAAGACGGAAAGACCCCGUGAACCUUUACUA
UAGCUUGACACUGAACAUUGAGCCUUGAUGUGUAGGAUAGGUGGGAGGCUUUGAAGUGUGGACGCCAGUCUGCAUGGAGC
CGACCUUGAAAUACCACCCUUUAAUGUUUGAUGUUCUAACGUUGACCCGUAAUCCGGGUUGCGGACAGUGUCUGGUGGGU
AGUUUGACUGGGGCGGUCUCCUCCUAAAGAGUAACGGAGGAGCACGAAGGUUGGCUAAUCCUGGUCGGACAUCAGGAGGU
UAGUGCAAUGGCAUAAGCCAGCUUGACUGCGAGCGUGACGGCGCGAGCAGGUGCGAAAGCAGGUCAUAGUGAUCCGGUGG
UUCUGAAUGGAAGGGCCAUCGCUCAACGGAUAAAAGGUACUCCGGGGAUAACAGGCUGAUACCGCCCAAGAGUUCAUAUC
GACGGCGGUGUUUGGCACCUCGAUGUCGGCUCAUCACAUCCUGGGGCUGAAGUAGGUCCCAAGGGUAUGGCUGUUCGCCA
UUUAAAGUGGUACGCGAGCUGGGUUUAGAACGUCGUGAGACAGUUCGGUCCCUAUCUGCCGUGGGCGCUGGAGAACUGAG
GGGGGCUGCUCCUAGUACGAGAGGACCGGAGUGGACGCAUCACUGGUGUUCGGGUUGUCAUGCCAAUGGCACUGCCCGGU
AGCUAAAUGCGGAAGAGAUAAGUGCUGAAAGCAUCUAAGCACGAAACUUGCCCCGAGAUGAGUUCUCCCUGACCCUUUAA
GGGUCCUGAAGGAACGUUGAAGACGACGACGUUGAUAGGCCGGGUGUGUAAGCGCAGCGAUGCGUUGAGCUAACCGGUAC
UAAUGAACCGUGAGGCUUAACCUU
;
B
#